data_6AUF
#
_entry.id   6AUF
#
_cell.length_a   67.961
_cell.length_b   67.961
_cell.length_c   216.670
_cell.angle_alpha   90.00
_cell.angle_beta   90.00
_cell.angle_gamma   90.00
#
_symmetry.space_group_name_H-M   'P 41 21 2'
#
loop_
_entity.id
_entity.type
_entity.pdbx_description
1 polymer 'Beta-lactamase-like protein'
2 non-polymer 'ZINC ION'
3 non-polymer 'CITRIC ACID'
4 water water
#
_entity_poly.entity_id   1
_entity_poly.type   'polypeptide(L)'
_entity_poly.pdbx_seq_one_letter_code
;MHHHHHHLEVLFQGPRDSAAKAAPTTLATACKGLDGREGWSHPAPPAHIYGNTWYVGTCGIASILVTSDDGHVLIDSGPA
DAAPLVLANIRKLGFDPADVRWILTSHEHHDHAGSIAELQKATGAQIAAVASARQVLESGKPSADDPQSGLIEGFPPVHV
ARVLVDGDSVTLGRLALTVRETPAHSPGSASWTWQACDEAFTCRMIAYADSATTISADDYRFSDHPDRIARIRTGLSRIA
QLPCDILVTPHPSASNLFDRLSGKAPLVNAQACAAYSQAAGSYFAKRLAEEAGEAAQEFP
;
_entity_poly.pdbx_strand_id   B
#
# COMPACT_ATOMS: atom_id res chain seq x y z
N PRO A 24 -24.00 -6.31 9.48
CA PRO A 24 -23.55 -7.47 10.24
C PRO A 24 -22.95 -8.55 9.34
N THR A 25 -21.92 -8.20 8.58
CA THR A 25 -21.39 -9.09 7.56
C THR A 25 -19.92 -9.42 7.73
N THR A 26 -19.09 -8.46 8.16
CA THR A 26 -17.69 -8.70 8.48
C THR A 26 -16.81 -8.85 7.25
N LEU A 27 -15.69 -8.13 7.23
CA LEU A 27 -14.69 -8.38 6.21
C LEU A 27 -14.10 -9.77 6.35
N ALA A 28 -13.82 -10.18 7.60
CA ALA A 28 -13.14 -11.44 7.85
C ALA A 28 -13.89 -12.62 7.24
N THR A 29 -15.12 -12.86 7.70
CA THR A 29 -15.87 -13.98 7.14
C THR A 29 -16.24 -13.72 5.68
N ALA A 30 -16.55 -12.47 5.32
CA ALA A 30 -16.89 -12.21 3.92
C ALA A 30 -15.77 -12.59 2.96
N CYS A 31 -14.51 -12.64 3.43
CA CYS A 31 -13.37 -12.94 2.57
C CYS A 31 -12.62 -14.21 2.98
N LYS A 32 -13.25 -15.09 3.74
CA LYS A 32 -12.55 -16.30 4.21
C LYS A 32 -11.96 -17.05 3.03
N GLY A 33 -10.69 -17.44 3.15
CA GLY A 33 -10.01 -18.23 2.15
C GLY A 33 -9.58 -17.50 0.90
N LEU A 34 -9.80 -16.19 0.81
CA LEU A 34 -9.51 -15.41 -0.39
C LEU A 34 -8.29 -14.50 -0.20
N ASP A 35 -7.30 -14.97 0.58
CA ASP A 35 -6.09 -14.18 0.80
C ASP A 35 -5.19 -14.19 -0.43
N GLY A 36 -5.26 -15.25 -1.22
CA GLY A 36 -4.38 -15.41 -2.37
C GLY A 36 -4.91 -14.71 -3.60
N ARG A 37 -4.53 -15.25 -4.76
CA ARG A 37 -4.89 -14.60 -6.02
C ARG A 37 -6.40 -14.52 -6.19
N GLU A 38 -7.13 -15.58 -5.78
CA GLU A 38 -8.58 -15.60 -6.01
C GLU A 38 -9.24 -14.33 -5.50
N GLY A 39 -8.68 -13.71 -4.48
CA GLY A 39 -9.28 -12.56 -3.85
C GLY A 39 -8.96 -11.21 -4.46
N TRP A 40 -7.86 -11.10 -5.23
CA TRP A 40 -7.34 -9.78 -5.59
C TRP A 40 -8.40 -8.95 -6.31
N SER A 41 -9.10 -9.53 -7.27
CA SER A 41 -10.17 -8.82 -7.97
C SER A 41 -11.55 -9.20 -7.46
N HIS A 42 -11.61 -9.79 -6.28
CA HIS A 42 -12.83 -10.33 -5.71
C HIS A 42 -13.46 -9.32 -4.76
N PRO A 43 -14.73 -8.99 -4.94
CA PRO A 43 -15.29 -7.86 -4.19
C PRO A 43 -15.45 -8.20 -2.71
N ALA A 44 -15.14 -7.22 -1.88
CA ALA A 44 -15.26 -7.26 -0.43
C ALA A 44 -16.15 -6.10 0.03
N PRO A 45 -16.89 -6.28 1.10
CA PRO A 45 -17.68 -5.18 1.61
C PRO A 45 -16.77 -4.10 2.16
N PRO A 46 -17.07 -2.83 1.95
CA PRO A 46 -16.25 -1.78 2.55
C PRO A 46 -16.29 -1.91 4.06
N ALA A 47 -15.30 -1.31 4.72
CA ALA A 47 -15.29 -1.35 6.17
C ALA A 47 -14.68 -0.08 6.71
N HIS A 48 -14.90 0.13 7.99
CA HIS A 48 -14.41 1.28 8.73
C HIS A 48 -13.12 0.89 9.43
N ILE A 49 -12.04 1.62 9.18
CA ILE A 49 -10.80 1.28 9.87
C ILE A 49 -10.73 2.07 11.17
N TYR A 50 -10.75 3.40 11.07
CA TYR A 50 -10.66 4.23 12.26
C TYR A 50 -10.84 5.68 11.83
N GLY A 51 -11.58 6.43 12.65
CA GLY A 51 -11.88 7.82 12.34
C GLY A 51 -12.26 8.02 10.89
N ASN A 52 -11.50 8.85 10.18
CA ASN A 52 -11.77 9.23 8.80
C ASN A 52 -11.20 8.25 7.79
N THR A 53 -10.83 7.04 8.21
CA THR A 53 -10.12 6.10 7.36
C THR A 53 -10.94 4.84 7.15
N TRP A 54 -10.99 4.38 5.90
CA TRP A 54 -11.90 3.35 5.45
C TRP A 54 -11.18 2.33 4.58
N TYR A 55 -11.49 1.05 4.77
CA TYR A 55 -11.09 0.03 3.81
C TYR A 55 -12.12 -0.03 2.70
N VAL A 56 -11.66 0.07 1.46
CA VAL A 56 -12.55 0.14 0.30
C VAL A 56 -11.99 -0.74 -0.80
N GLY A 57 -11.01 -1.58 -0.47
CA GLY A 57 -10.39 -2.45 -1.43
C GLY A 57 -11.17 -3.73 -1.61
N THR A 58 -10.50 -4.73 -2.20
CA THR A 58 -11.04 -6.05 -2.43
C THR A 58 -10.63 -6.99 -1.31
N CYS A 59 -11.05 -8.26 -1.44
CA CYS A 59 -10.68 -9.30 -0.49
C CYS A 59 -9.18 -9.58 -0.46
N GLY A 60 -8.47 -9.30 -1.55
CA GLY A 60 -7.06 -9.62 -1.65
C GLY A 60 -6.13 -8.42 -1.62
N ILE A 61 -6.59 -7.28 -2.13
CA ILE A 61 -5.76 -6.09 -2.26
C ILE A 61 -6.44 -4.93 -1.54
N ALA A 62 -5.69 -4.22 -0.72
CA ALA A 62 -6.26 -3.09 0.00
C ALA A 62 -6.39 -1.88 -0.90
N SER A 63 -7.28 -0.99 -0.48
CA SER A 63 -7.44 0.34 -1.07
C SER A 63 -7.99 1.21 0.04
N ILE A 64 -7.30 2.29 0.37
CA ILE A 64 -7.56 3.08 1.58
C ILE A 64 -8.17 4.42 1.20
N LEU A 65 -9.29 4.76 1.85
CA LEU A 65 -9.96 6.03 1.66
C LEU A 65 -9.87 6.84 2.94
N VAL A 66 -9.49 8.10 2.80
CA VAL A 66 -9.25 8.97 3.94
C VAL A 66 -10.06 10.24 3.70
N THR A 67 -11.03 10.51 4.56
CA THR A 67 -12.10 11.44 4.27
C THR A 67 -11.98 12.74 5.07
N SER A 68 -12.38 13.83 4.42
CA SER A 68 -12.53 15.12 5.05
C SER A 68 -13.68 15.83 4.36
N ASP A 69 -14.17 16.89 5.00
CA ASP A 69 -15.12 17.75 4.29
C ASP A 69 -14.46 18.42 3.10
N ASP A 70 -13.16 18.68 3.20
CA ASP A 70 -12.37 19.35 2.18
C ASP A 70 -12.05 18.46 0.99
N GLY A 71 -12.56 17.25 0.96
CA GLY A 71 -12.19 16.24 -0.01
C GLY A 71 -11.49 15.08 0.64
N HIS A 72 -11.30 14.02 -0.15
CA HIS A 72 -10.71 12.79 0.35
C HIS A 72 -9.39 12.48 -0.34
N VAL A 73 -8.67 11.53 0.25
CA VAL A 73 -7.48 10.94 -0.33
C VAL A 73 -7.71 9.43 -0.43
N LEU A 74 -7.17 8.83 -1.49
CA LEU A 74 -7.35 7.42 -1.78
C LEU A 74 -5.99 6.83 -2.13
N ILE A 75 -5.64 5.71 -1.50
CA ILE A 75 -4.35 5.06 -1.71
C ILE A 75 -4.58 3.70 -2.35
N ASP A 76 -4.02 3.51 -3.54
CA ASP A 76 -4.05 2.24 -4.26
C ASP A 76 -5.38 1.99 -4.95
N SER A 77 -5.30 1.36 -6.12
CA SER A 77 -6.46 1.06 -6.92
C SER A 77 -6.85 -0.41 -6.88
N GLY A 78 -5.96 -1.29 -6.46
CA GLY A 78 -6.14 -2.70 -6.68
C GLY A 78 -5.75 -3.04 -8.11
N PRO A 79 -5.96 -4.30 -8.50
CA PRO A 79 -5.52 -4.75 -9.83
C PRO A 79 -6.13 -3.92 -10.96
N ALA A 80 -5.68 -4.23 -12.18
CA ALA A 80 -6.02 -3.39 -13.32
C ALA A 80 -7.52 -3.37 -13.60
N ASP A 81 -8.25 -4.42 -13.22
CA ASP A 81 -9.67 -4.50 -13.52
C ASP A 81 -10.55 -4.10 -12.35
N ALA A 82 -9.97 -3.58 -11.27
CA ALA A 82 -10.69 -3.44 -10.01
C ALA A 82 -11.26 -2.05 -9.77
N ALA A 83 -11.08 -1.11 -10.70
CA ALA A 83 -11.58 0.24 -10.50
C ALA A 83 -13.03 0.27 -10.04
N PRO A 84 -13.97 -0.31 -10.80
CA PRO A 84 -15.38 -0.25 -10.38
C PRO A 84 -15.65 -0.82 -9.00
N LEU A 85 -14.91 -1.87 -8.59
CA LEU A 85 -15.12 -2.43 -7.27
C LEU A 85 -14.94 -1.38 -6.18
N VAL A 86 -13.84 -0.65 -6.23
CA VAL A 86 -13.55 0.34 -5.19
C VAL A 86 -14.41 1.57 -5.38
N LEU A 87 -14.65 1.97 -6.64
CA LEU A 87 -15.60 3.04 -6.88
C LEU A 87 -16.94 2.74 -6.22
N ALA A 88 -17.35 1.48 -6.21
CA ALA A 88 -18.61 1.13 -5.58
C ALA A 88 -18.46 1.13 -4.05
N ASN A 89 -17.31 0.68 -3.56
CA ASN A 89 -17.12 0.66 -2.11
C ASN A 89 -17.13 2.07 -1.54
N ILE A 90 -16.70 3.04 -2.34
CA ILE A 90 -16.79 4.45 -1.92
C ILE A 90 -18.25 4.84 -1.73
N ARG A 91 -19.04 4.73 -2.80
CA ARG A 91 -20.44 5.14 -2.73
C ARG A 91 -21.17 4.36 -1.65
N LYS A 92 -21.02 3.03 -1.65
CA LYS A 92 -21.66 2.21 -0.64
C LYS A 92 -21.38 2.69 0.77
N LEU A 93 -20.37 3.56 0.96
CA LEU A 93 -20.09 4.18 2.26
C LEU A 93 -20.71 5.56 2.39
N GLY A 94 -21.37 6.06 1.34
CA GLY A 94 -21.95 7.38 1.37
C GLY A 94 -21.04 8.51 0.93
N PHE A 95 -19.96 8.20 0.24
CA PHE A 95 -19.00 9.21 -0.21
C PHE A 95 -19.02 9.32 -1.73
N ASP A 96 -18.80 10.54 -2.22
CA ASP A 96 -18.80 10.81 -3.65
C ASP A 96 -17.40 10.63 -4.20
N PRO A 97 -17.18 9.74 -5.16
CA PRO A 97 -15.83 9.61 -5.73
C PRO A 97 -15.34 10.88 -6.40
N ALA A 98 -16.24 11.80 -6.74
CA ALA A 98 -15.80 13.10 -7.25
C ALA A 98 -15.12 13.94 -6.18
N ASP A 99 -15.27 13.56 -4.91
CA ASP A 99 -14.71 14.30 -3.79
C ASP A 99 -13.28 13.90 -3.45
N VAL A 100 -12.80 12.77 -3.94
CA VAL A 100 -11.42 12.39 -3.67
C VAL A 100 -10.50 13.23 -4.55
N ARG A 101 -9.60 13.98 -3.91
CA ARG A 101 -8.76 14.93 -4.61
C ARG A 101 -7.39 14.38 -4.97
N TRP A 102 -6.88 13.41 -4.22
CA TRP A 102 -5.57 12.83 -4.47
C TRP A 102 -5.66 11.32 -4.51
N ILE A 103 -4.91 10.71 -5.42
CA ILE A 103 -4.71 9.27 -5.43
C ILE A 103 -3.23 9.02 -5.19
N LEU A 104 -2.93 8.21 -4.18
CA LEU A 104 -1.57 7.85 -3.80
C LEU A 104 -1.39 6.36 -4.04
N THR A 105 -0.15 5.89 -3.89
CA THR A 105 0.18 4.49 -4.11
C THR A 105 1.14 4.00 -3.02
N SER A 106 1.01 2.70 -2.72
CA SER A 106 2.01 2.05 -1.90
C SER A 106 3.27 1.75 -2.74
N HIS A 107 3.12 0.91 -3.76
CA HIS A 107 4.25 0.62 -4.63
C HIS A 107 3.72 0.35 -6.04
N GLU A 108 4.64 0.18 -6.99
CA GLU A 108 4.37 0.43 -8.41
C GLU A 108 4.11 -0.85 -9.18
N HIS A 109 3.42 -1.81 -8.58
CA HIS A 109 3.06 -3.06 -9.25
C HIS A 109 1.59 -3.04 -9.64
N HIS A 110 1.25 -3.82 -10.67
CA HIS A 110 -0.09 -3.78 -11.28
C HIS A 110 -1.17 -4.17 -10.28
N ASP A 111 -0.89 -5.11 -9.39
CA ASP A 111 -1.91 -5.58 -8.45
C ASP A 111 -2.32 -4.49 -7.46
N HIS A 112 -1.48 -3.47 -7.26
CA HIS A 112 -1.80 -2.40 -6.35
C HIS A 112 -2.16 -1.10 -7.03
N ALA A 113 -1.57 -0.83 -8.19
CA ALA A 113 -1.78 0.42 -8.91
C ALA A 113 -2.33 0.17 -10.30
N GLY A 114 -2.73 -1.07 -10.59
CA GLY A 114 -3.08 -1.44 -11.96
C GLY A 114 -4.16 -0.59 -12.60
N SER A 115 -5.07 -0.03 -11.80
CA SER A 115 -6.11 0.83 -12.35
C SER A 115 -6.08 2.22 -11.74
N ILE A 116 -4.88 2.70 -11.39
CA ILE A 116 -4.71 4.10 -11.03
C ILE A 116 -5.29 4.99 -12.13
N ALA A 117 -5.01 4.64 -13.38
CA ALA A 117 -5.41 5.48 -14.50
C ALA A 117 -6.93 5.59 -14.58
N GLU A 118 -7.61 4.45 -14.77
N GLU A 118 -7.60 4.45 -14.78
CA GLU A 118 -9.06 4.46 -14.84
CA GLU A 118 -9.06 4.44 -14.83
C GLU A 118 -9.67 5.01 -13.56
C GLU A 118 -9.67 5.02 -13.57
N LEU A 119 -9.05 4.75 -12.41
CA LEU A 119 -9.53 5.32 -11.17
C LEU A 119 -9.41 6.83 -11.16
N GLN A 120 -8.41 7.38 -11.83
CA GLN A 120 -8.18 8.81 -11.82
C GLN A 120 -9.20 9.55 -12.67
N LYS A 121 -9.41 9.10 -13.91
CA LYS A 121 -10.36 9.81 -14.78
C LYS A 121 -11.80 9.61 -14.29
N ALA A 122 -12.09 8.46 -13.68
CA ALA A 122 -13.38 8.30 -13.04
C ALA A 122 -13.57 9.21 -11.82
N THR A 123 -12.52 9.92 -11.39
CA THR A 123 -12.57 10.71 -10.17
C THR A 123 -12.06 12.14 -10.32
N GLY A 124 -11.23 12.42 -11.32
CA GLY A 124 -10.61 13.71 -11.44
C GLY A 124 -9.47 13.98 -10.48
N ALA A 125 -9.12 13.03 -9.61
CA ALA A 125 -8.07 13.30 -8.63
C ALA A 125 -6.73 13.55 -9.31
N GLN A 126 -5.86 14.25 -8.60
CA GLN A 126 -4.46 14.32 -9.01
C GLN A 126 -3.67 13.23 -8.31
N ILE A 127 -2.54 12.87 -8.93
CA ILE A 127 -1.69 11.78 -8.47
C ILE A 127 -0.39 12.35 -7.93
N ALA A 128 0.00 11.91 -6.74
CA ALA A 128 1.27 12.28 -6.12
C ALA A 128 2.03 11.00 -5.79
N ALA A 129 3.36 11.06 -5.90
CA ALA A 129 4.17 9.87 -5.72
C ALA A 129 5.62 10.25 -5.44
N VAL A 130 6.34 9.31 -4.79
CA VAL A 130 7.76 9.49 -4.51
C VAL A 130 8.54 9.45 -5.82
N ALA A 131 9.65 10.17 -5.84
CA ALA A 131 10.44 10.19 -7.06
C ALA A 131 10.87 8.79 -7.49
N SER A 132 11.24 7.94 -6.53
CA SER A 132 11.67 6.58 -6.86
C SER A 132 10.60 5.76 -7.60
N ALA A 133 9.34 6.22 -7.61
CA ALA A 133 8.28 5.53 -8.31
C ALA A 133 7.88 6.19 -9.62
N ARG A 134 8.19 7.48 -9.81
CA ARG A 134 7.62 8.25 -10.91
C ARG A 134 7.81 7.57 -12.25
N GLN A 135 9.03 7.12 -12.56
CA GLN A 135 9.32 6.55 -13.88
C GLN A 135 8.36 5.41 -14.21
N VAL A 136 8.24 4.43 -13.32
CA VAL A 136 7.33 3.31 -13.57
C VAL A 136 5.89 3.82 -13.74
N LEU A 137 5.42 4.62 -12.79
CA LEU A 137 4.05 5.14 -12.84
C LEU A 137 3.75 5.82 -14.17
N GLU A 138 4.68 6.62 -14.67
CA GLU A 138 4.43 7.36 -15.91
C GLU A 138 4.71 6.54 -17.16
N SER A 139 5.18 5.30 -17.00
CA SER A 139 5.44 4.42 -18.13
C SER A 139 4.69 3.10 -18.05
N GLY A 140 4.22 2.70 -16.87
CA GLY A 140 3.53 1.44 -16.69
C GLY A 140 4.43 0.22 -16.60
N LYS A 141 5.70 0.33 -17.06
CA LYS A 141 6.68 -0.75 -17.05
C LYS A 141 7.46 -0.75 -15.74
N PRO A 142 7.62 -1.90 -15.09
CA PRO A 142 8.41 -1.94 -13.86
C PRO A 142 9.87 -1.58 -14.13
N SER A 143 10.52 -1.11 -13.08
CA SER A 143 11.82 -0.47 -13.20
C SER A 143 12.91 -1.48 -13.53
N ALA A 144 13.95 -0.98 -14.20
CA ALA A 144 15.12 -1.82 -14.47
C ALA A 144 15.75 -2.32 -13.18
N ASP A 145 15.57 -1.60 -12.07
CA ASP A 145 16.12 -1.97 -10.77
C ASP A 145 15.24 -2.93 -9.99
N ASP A 146 14.03 -3.20 -10.45
CA ASP A 146 13.11 -4.04 -9.70
C ASP A 146 13.56 -5.50 -9.80
N PRO A 147 13.78 -6.20 -8.69
CA PRO A 147 14.19 -7.61 -8.78
C PRO A 147 13.20 -8.48 -9.53
N GLN A 148 11.97 -8.02 -9.73
CA GLN A 148 10.92 -8.84 -10.33
C GLN A 148 10.71 -8.60 -11.80
N SER A 149 11.28 -7.55 -12.39
CA SER A 149 11.24 -7.46 -13.83
C SER A 149 12.30 -8.40 -14.39
N GLY A 150 12.01 -8.98 -15.55
CA GLY A 150 10.75 -8.80 -16.24
C GLY A 150 9.81 -9.98 -16.07
N LEU A 151 9.72 -10.47 -14.84
CA LEU A 151 8.67 -11.40 -14.47
C LEU A 151 7.31 -10.69 -14.40
N ILE A 152 7.22 -9.66 -13.57
CA ILE A 152 5.96 -8.95 -13.36
C ILE A 152 5.54 -8.25 -14.66
N GLU A 153 4.23 -8.08 -14.82
CA GLU A 153 3.62 -7.41 -15.96
C GLU A 153 3.34 -5.94 -15.64
N GLY A 154 2.97 -5.19 -16.68
CA GLY A 154 2.76 -3.77 -16.56
C GLY A 154 1.29 -3.39 -16.42
N PHE A 155 1.05 -2.09 -16.41
CA PHE A 155 -0.31 -1.55 -16.26
C PHE A 155 -0.37 -0.22 -16.97
N PRO A 156 -1.55 0.35 -17.11
CA PRO A 156 -1.69 1.55 -17.95
C PRO A 156 -1.09 2.76 -17.26
N PRO A 157 -0.30 3.53 -17.99
CA PRO A 157 0.44 4.64 -17.36
C PRO A 157 -0.48 5.75 -16.88
N VAL A 158 0.16 6.71 -16.19
CA VAL A 158 -0.50 7.86 -15.61
C VAL A 158 0.55 8.97 -15.53
N HIS A 159 0.07 10.23 -15.47
CA HIS A 159 0.97 11.36 -15.23
C HIS A 159 0.98 11.70 -13.76
N VAL A 160 2.18 11.83 -13.19
CA VAL A 160 2.36 12.19 -11.79
C VAL A 160 2.38 13.72 -11.69
N ALA A 161 1.35 14.27 -11.04
CA ALA A 161 1.18 15.72 -10.97
C ALA A 161 2.11 16.34 -9.95
N ARG A 162 2.23 15.72 -8.77
CA ARG A 162 3.14 16.15 -7.74
C ARG A 162 4.11 15.02 -7.43
N VAL A 163 5.39 15.25 -7.64
CA VAL A 163 6.38 14.22 -7.36
C VAL A 163 7.08 14.56 -6.06
N LEU A 164 7.16 13.57 -5.17
CA LEU A 164 7.42 13.78 -3.76
C LEU A 164 8.80 13.27 -3.37
N VAL A 165 9.32 13.84 -2.29
CA VAL A 165 10.54 13.32 -1.67
C VAL A 165 10.21 12.76 -0.29
N ASP A 166 11.11 11.88 0.17
CA ASP A 166 11.01 11.26 1.47
C ASP A 166 10.71 12.30 2.54
N GLY A 167 9.62 12.07 3.29
CA GLY A 167 9.21 12.96 4.36
C GLY A 167 8.21 14.02 3.95
N ASP A 168 7.83 14.07 2.68
CA ASP A 168 6.86 15.04 2.20
C ASP A 168 5.47 14.73 2.74
N SER A 169 4.58 15.71 2.60
CA SER A 169 3.21 15.60 3.09
C SER A 169 2.24 15.91 1.97
N VAL A 170 1.29 15.01 1.73
CA VAL A 170 0.15 15.32 0.89
C VAL A 170 -0.91 15.95 1.80
N THR A 171 -1.27 17.19 1.51
CA THR A 171 -2.22 17.94 2.33
C THR A 171 -3.49 18.23 1.55
N LEU A 172 -4.63 17.97 2.19
CA LEU A 172 -5.96 18.23 1.63
C LEU A 172 -6.76 18.83 2.79
N GLY A 173 -6.89 20.14 2.81
CA GLY A 173 -7.49 20.77 3.98
C GLY A 173 -6.70 20.38 5.21
N ARG A 174 -7.40 19.98 6.26
CA ARG A 174 -6.74 19.59 7.50
C ARG A 174 -6.18 18.17 7.42
N LEU A 175 -6.41 17.46 6.33
CA LEU A 175 -5.74 16.19 6.11
C LEU A 175 -4.25 16.40 5.89
N ALA A 176 -3.44 15.49 6.45
CA ALA A 176 -2.00 15.53 6.24
C ALA A 176 -1.52 14.09 6.24
N LEU A 177 -1.32 13.53 5.05
CA LEU A 177 -0.72 12.21 4.88
C LEU A 177 0.76 12.38 4.55
N THR A 178 1.62 11.84 5.41
CA THR A 178 3.05 12.06 5.26
C THR A 178 3.74 10.76 4.83
N VAL A 179 4.55 10.86 3.76
CA VAL A 179 5.11 9.71 3.05
C VAL A 179 6.57 9.47 3.45
N ARG A 180 6.96 8.20 3.41
CA ARG A 180 8.34 7.80 3.58
C ARG A 180 8.70 6.90 2.40
N GLU A 181 9.86 7.16 1.78
CA GLU A 181 10.43 6.19 0.85
C GLU A 181 10.92 4.98 1.62
N THR A 182 10.39 3.80 1.29
CA THR A 182 10.62 2.56 2.04
C THR A 182 10.94 1.43 1.08
N PRO A 183 12.10 1.47 0.42
CA PRO A 183 12.29 0.67 -0.80
C PRO A 183 12.69 -0.79 -0.55
N ALA A 184 12.02 -1.47 0.39
CA ALA A 184 12.35 -2.85 0.68
C ALA A 184 11.85 -3.80 -0.39
N HIS A 185 10.63 -3.59 -0.89
CA HIS A 185 9.98 -4.56 -1.75
C HIS A 185 10.21 -4.24 -3.22
N SER A 186 10.30 -2.96 -3.56
CA SER A 186 10.53 -2.50 -4.90
C SER A 186 11.26 -1.17 -4.82
N PRO A 187 11.81 -0.67 -5.92
CA PRO A 187 12.49 0.62 -5.86
C PRO A 187 11.58 1.76 -5.47
N GLY A 188 10.32 1.75 -5.95
CA GLY A 188 9.38 2.83 -5.74
C GLY A 188 8.53 2.71 -4.48
N SER A 189 8.83 1.73 -3.64
CA SER A 189 7.97 1.47 -2.49
C SER A 189 7.87 2.69 -1.57
N ALA A 190 6.65 3.00 -1.16
CA ALA A 190 6.35 4.09 -0.25
C ALA A 190 5.44 3.60 0.86
N SER A 191 5.58 4.21 2.03
CA SER A 191 4.73 3.95 3.18
C SER A 191 4.16 5.28 3.66
N TRP A 192 2.93 5.23 4.16
CA TRP A 192 2.18 6.43 4.48
C TRP A 192 1.72 6.42 5.92
N THR A 193 1.55 7.62 6.49
CA THR A 193 1.33 7.80 7.92
C THR A 193 0.45 9.02 8.14
N TRP A 194 -0.56 8.89 9.01
CA TRP A 194 -1.43 10.02 9.31
C TRP A 194 -2.21 9.73 10.59
N GLN A 195 -2.79 10.78 11.16
CA GLN A 195 -3.53 10.67 12.41
C GLN A 195 -5.04 10.50 12.16
N ALA A 196 -5.66 9.66 13.00
CA ALA A 196 -7.10 9.41 12.94
C ALA A 196 -7.66 9.43 14.36
N CYS A 197 -8.84 10.02 14.51
CA CYS A 197 -9.46 10.13 15.82
C CYS A 197 -10.89 9.61 15.74
N ASP A 198 -11.30 8.89 16.79
CA ASP A 198 -12.63 8.30 16.82
C ASP A 198 -13.65 9.34 17.21
N GLU A 199 -14.84 8.91 17.60
CA GLU A 199 -15.89 9.86 17.96
C GLU A 199 -15.61 10.54 19.29
N ALA A 200 -14.83 9.91 20.17
CA ALA A 200 -14.51 10.44 21.49
C ALA A 200 -13.17 11.18 21.53
N PHE A 201 -12.58 11.51 20.37
CA PHE A 201 -11.29 12.22 20.32
C PHE A 201 -10.22 11.41 21.03
N THR A 202 -10.22 10.11 20.81
CA THR A 202 -9.05 9.27 20.99
C THR A 202 -8.38 9.16 19.64
N CYS A 203 -7.11 9.53 19.57
CA CYS A 203 -6.41 9.64 18.29
C CYS A 203 -5.33 8.58 18.22
N ARG A 204 -5.13 8.06 17.01
CA ARG A 204 -4.18 7.02 16.76
C ARG A 204 -3.48 7.34 15.44
N MET A 205 -2.23 6.96 15.34
CA MET A 205 -1.52 7.07 14.09
C MET A 205 -1.73 5.80 13.29
N ILE A 206 -2.20 5.96 12.08
CA ILE A 206 -2.32 4.86 11.13
C ILE A 206 -1.07 4.85 10.24
N ALA A 207 -0.56 3.65 10.00
CA ALA A 207 0.58 3.44 9.13
C ALA A 207 0.16 2.46 8.05
N TYR A 208 0.04 2.95 6.81
CA TYR A 208 -0.13 2.10 5.65
C TYR A 208 1.26 1.71 5.15
N ALA A 209 1.82 0.68 5.80
CA ALA A 209 3.18 0.24 5.51
C ALA A 209 3.13 -0.71 4.33
N ASP A 210 3.89 -0.39 3.29
CA ASP A 210 3.92 -1.14 2.05
C ASP A 210 4.33 -2.58 2.27
N SER A 211 4.00 -3.43 1.28
CA SER A 211 4.59 -4.77 1.22
C SER A 211 6.10 -4.66 1.46
N ALA A 212 6.66 -5.62 2.18
CA ALA A 212 8.07 -5.56 2.54
C ALA A 212 8.83 -6.81 2.12
N THR A 213 8.26 -7.59 1.20
CA THR A 213 8.82 -8.88 0.81
C THR A 213 9.93 -8.67 -0.22
N THR A 214 11.09 -9.27 0.02
CA THR A 214 12.21 -9.21 -0.92
C THR A 214 12.16 -10.44 -1.82
N ILE A 215 11.56 -10.28 -3.00
CA ILE A 215 11.32 -11.39 -3.90
C ILE A 215 11.70 -10.95 -5.31
N SER A 216 12.07 -11.92 -6.14
CA SER A 216 12.67 -11.62 -7.42
C SER A 216 12.29 -12.67 -8.45
N ALA A 217 12.53 -12.34 -9.71
CA ALA A 217 12.64 -13.37 -10.73
C ALA A 217 13.72 -14.38 -10.30
N ASP A 218 13.73 -15.55 -10.97
CA ASP A 218 14.62 -16.62 -10.56
C ASP A 218 16.08 -16.24 -10.75
N ASP A 219 16.41 -15.74 -11.93
CA ASP A 219 17.79 -15.41 -12.29
C ASP A 219 18.33 -14.20 -11.53
N TYR A 220 17.50 -13.50 -10.76
CA TYR A 220 17.96 -12.32 -10.06
C TYR A 220 18.65 -12.69 -8.75
N ARG A 221 19.77 -12.02 -8.47
CA ARG A 221 20.49 -12.20 -7.22
C ARG A 221 20.70 -10.85 -6.53
N PHE A 222 20.20 -10.74 -5.30
CA PHE A 222 20.39 -9.50 -4.53
C PHE A 222 21.86 -9.23 -4.26
N SER A 223 22.65 -10.29 -4.08
CA SER A 223 24.06 -10.15 -3.79
C SER A 223 24.80 -9.38 -4.88
N ASP A 224 24.30 -9.41 -6.12
CA ASP A 224 24.91 -8.68 -7.23
C ASP A 224 24.41 -7.25 -7.35
N HIS A 225 23.58 -6.76 -6.44
CA HIS A 225 22.98 -5.42 -6.57
C HIS A 225 23.09 -4.67 -5.26
N PRO A 226 24.27 -4.08 -5.00
CA PRO A 226 24.45 -3.39 -3.71
C PRO A 226 23.58 -2.17 -3.56
N ASP A 227 23.27 -1.49 -4.66
CA ASP A 227 22.28 -0.41 -4.59
C ASP A 227 20.96 -0.92 -4.02
N ARG A 228 20.41 -2.00 -4.62
CA ARG A 228 19.16 -2.57 -4.16
C ARG A 228 19.25 -3.00 -2.71
N ILE A 229 20.36 -3.65 -2.32
CA ILE A 229 20.49 -4.12 -0.94
C ILE A 229 20.52 -2.93 0.01
N ALA A 230 21.19 -1.85 -0.38
CA ALA A 230 21.27 -0.71 0.53
C ALA A 230 19.93 -0.02 0.65
N ARG A 231 19.20 0.10 -0.47
CA ARG A 231 17.84 0.62 -0.43
C ARG A 231 16.92 -0.26 0.42
N ILE A 232 17.09 -1.58 0.37
CA ILE A 232 16.28 -2.45 1.23
C ILE A 232 16.52 -2.13 2.69
N ARG A 233 17.79 -2.08 3.10
CA ARG A 233 18.10 -1.77 4.49
C ARG A 233 17.47 -0.44 4.92
N THR A 234 17.53 0.57 4.06
CA THR A 234 16.91 1.85 4.36
C THR A 234 15.42 1.70 4.54
N GLY A 235 14.77 0.92 3.67
CA GLY A 235 13.33 0.77 3.74
C GLY A 235 12.90 0.03 5.01
N LEU A 236 13.59 -1.07 5.32
CA LEU A 236 13.26 -1.79 6.55
C LEU A 236 13.40 -0.88 7.76
N SER A 237 14.43 -0.05 7.75
CA SER A 237 14.68 0.81 8.89
C SER A 237 13.58 1.86 9.03
N ARG A 238 13.16 2.46 7.91
CA ARG A 238 12.08 3.44 7.97
C ARG A 238 10.74 2.81 8.33
N ILE A 239 10.44 1.62 7.78
CA ILE A 239 9.19 0.96 8.09
C ILE A 239 9.10 0.71 9.59
N ALA A 240 10.19 0.27 10.19
CA ALA A 240 10.17 -0.15 11.59
C ALA A 240 9.95 1.03 12.51
N GLN A 241 10.22 2.25 12.04
CA GLN A 241 10.17 3.44 12.86
C GLN A 241 8.99 4.35 12.54
N LEU A 242 8.12 3.95 11.61
CA LEU A 242 6.90 4.71 11.34
C LEU A 242 6.11 4.91 12.63
N PRO A 243 5.52 6.08 12.83
CA PRO A 243 4.46 6.19 13.85
C PRO A 243 3.33 5.26 13.45
N CYS A 244 2.97 4.35 14.37
CA CYS A 244 2.25 3.16 13.97
C CYS A 244 1.42 2.60 15.13
N ASP A 245 0.32 3.27 15.45
CA ASP A 245 -0.67 2.68 16.35
C ASP A 245 -1.46 1.57 15.66
N ILE A 246 -1.83 1.80 14.40
CA ILE A 246 -2.66 0.87 13.65
C ILE A 246 -1.96 0.54 12.34
N LEU A 247 -1.47 -0.68 12.22
CA LEU A 247 -0.82 -1.11 10.99
C LEU A 247 -1.83 -1.52 9.94
N VAL A 248 -1.60 -1.08 8.70
CA VAL A 248 -2.40 -1.53 7.57
C VAL A 248 -1.46 -1.78 6.41
N THR A 249 -1.70 -2.88 5.66
CA THR A 249 -0.82 -3.33 4.61
C THR A 249 -1.54 -3.50 3.29
N PRO A 250 -0.88 -3.19 2.18
CA PRO A 250 -1.51 -3.36 0.86
C PRO A 250 -2.09 -4.75 0.62
N HIS A 251 -1.50 -5.78 1.20
CA HIS A 251 -2.14 -7.09 1.27
C HIS A 251 -2.67 -7.23 2.67
N PRO A 252 -3.99 -7.29 2.86
CA PRO A 252 -4.53 -7.26 4.23
C PRO A 252 -3.93 -8.31 5.15
N SER A 253 -3.71 -9.53 4.65
CA SER A 253 -3.24 -10.60 5.51
C SER A 253 -1.84 -10.32 6.05
N ALA A 254 -1.02 -9.59 5.28
CA ALA A 254 0.31 -9.27 5.77
C ALA A 254 0.28 -8.61 7.14
N SER A 255 -0.82 -7.94 7.51
CA SER A 255 -0.96 -7.37 8.86
C SER A 255 -2.20 -7.90 9.60
N ASN A 256 -2.75 -9.03 9.19
CA ASN A 256 -3.86 -9.65 9.94
C ASN A 256 -5.07 -8.71 9.99
N LEU A 257 -5.31 -8.01 8.88
CA LEU A 257 -6.12 -6.81 8.93
C LEU A 257 -7.60 -7.12 9.11
N PHE A 258 -8.09 -8.17 8.45
CA PHE A 258 -9.53 -8.46 8.49
C PHE A 258 -9.98 -8.92 9.87
N ASP A 259 -9.20 -9.78 10.54
CA ASP A 259 -9.53 -10.16 11.91
C ASP A 259 -9.53 -8.97 12.84
N ARG A 260 -8.52 -8.09 12.71
CA ARG A 260 -8.43 -6.91 13.56
C ARG A 260 -9.59 -5.96 13.31
N LEU A 261 -10.01 -5.83 12.05
CA LEU A 261 -11.18 -5.02 11.72
C LEU A 261 -12.47 -5.69 12.21
N SER A 262 -12.47 -7.02 12.28
CA SER A 262 -13.65 -7.78 12.67
C SER A 262 -13.60 -8.21 14.13
N GLY A 263 -13.00 -7.40 15.00
CA GLY A 263 -13.02 -7.67 16.43
C GLY A 263 -12.36 -8.97 16.83
N LYS A 264 -11.84 -9.73 15.86
CA LYS A 264 -11.17 -10.97 16.23
C LYS A 264 -9.79 -10.72 16.81
N ALA A 265 -9.14 -9.62 16.43
CA ALA A 265 -7.80 -9.32 16.91
C ALA A 265 -7.67 -7.84 17.20
N PRO A 266 -6.65 -7.45 17.99
CA PRO A 266 -6.51 -6.05 18.40
C PRO A 266 -6.19 -5.15 17.21
N LEU A 267 -7.02 -4.12 17.01
CA LEU A 267 -6.77 -3.17 15.95
C LEU A 267 -5.59 -2.26 16.26
N VAL A 268 -5.37 -1.95 17.53
CA VAL A 268 -4.33 -1.03 17.97
C VAL A 268 -3.18 -1.83 18.56
N ASN A 269 -1.98 -1.65 18.00
CA ASN A 269 -0.79 -2.34 18.52
C ASN A 269 0.44 -1.55 18.03
N ALA A 270 0.84 -0.56 18.83
CA ALA A 270 1.91 0.38 18.48
C ALA A 270 3.24 -0.30 18.18
N GLN A 271 3.35 -1.61 18.41
CA GLN A 271 4.57 -2.34 18.09
C GLN A 271 4.48 -3.11 16.77
N ALA A 272 3.43 -2.87 15.98
CA ALA A 272 3.18 -3.72 14.81
C ALA A 272 4.20 -3.48 13.71
N CYS A 273 4.47 -2.20 13.39
CA CYS A 273 5.40 -1.89 12.32
C CYS A 273 6.79 -2.42 12.63
N ALA A 274 7.24 -2.27 13.87
CA ALA A 274 8.56 -2.81 14.21
C ALA A 274 8.60 -4.30 13.92
N ALA A 275 7.67 -5.05 14.51
CA ALA A 275 7.63 -6.49 14.31
C ALA A 275 7.54 -6.84 12.84
N TYR A 276 6.68 -6.15 12.10
CA TYR A 276 6.51 -6.40 10.68
C TYR A 276 7.83 -6.24 9.93
N SER A 277 8.53 -5.11 10.17
CA SER A 277 9.84 -4.87 9.55
C SER A 277 10.88 -5.90 10.02
N GLN A 278 10.93 -6.17 11.33
CA GLN A 278 11.85 -7.19 11.79
C GLN A 278 11.64 -8.49 11.03
N ALA A 279 10.37 -8.86 10.83
CA ALA A 279 10.06 -10.11 10.14
C ALA A 279 10.52 -10.05 8.69
N ALA A 280 10.17 -8.97 7.97
CA ALA A 280 10.63 -8.82 6.60
C ALA A 280 12.14 -8.87 6.52
N GLY A 281 12.82 -8.23 7.47
CA GLY A 281 14.27 -8.27 7.48
C GLY A 281 14.79 -9.67 7.72
N SER A 282 14.11 -10.42 8.58
CA SER A 282 14.50 -11.81 8.80
C SER A 282 14.39 -12.60 7.51
N TYR A 283 13.27 -12.43 6.79
CA TYR A 283 13.11 -13.09 5.51
C TYR A 283 14.25 -12.73 4.55
N PHE A 284 14.59 -11.44 4.48
CA PHE A 284 15.64 -10.99 3.59
C PHE A 284 16.98 -11.66 3.92
N ALA A 285 17.30 -11.79 5.21
CA ALA A 285 18.59 -12.38 5.54
C ALA A 285 18.66 -13.83 5.12
N LYS A 286 17.56 -14.56 5.32
CA LYS A 286 17.51 -15.93 4.82
C LYS A 286 17.79 -15.97 3.32
N ARG A 287 17.30 -14.97 2.60
CA ARG A 287 17.49 -14.95 1.15
C ARG A 287 18.94 -14.68 0.78
N LEU A 288 19.59 -13.74 1.47
CA LEU A 288 21.01 -13.51 1.25
C LEU A 288 21.84 -14.75 1.61
N ALA A 289 21.48 -15.43 2.70
CA ALA A 289 22.19 -16.65 3.07
C ALA A 289 22.02 -17.74 2.01
N GLU A 290 20.83 -17.85 1.41
CA GLU A 290 20.65 -18.83 0.36
C GLU A 290 21.58 -18.52 -0.81
N GLU A 291 21.66 -17.24 -1.18
CA GLU A 291 22.54 -16.83 -2.27
C GLU A 291 24.01 -17.08 -1.95
N ALA A 292 24.40 -16.95 -0.68
CA ALA A 292 25.78 -17.20 -0.29
C ALA A 292 26.13 -18.67 -0.49
N GLY A 293 25.33 -19.57 0.07
CA GLY A 293 25.52 -21.00 -0.08
C GLY A 293 25.34 -21.54 -1.48
N GLU A 294 25.02 -20.69 -2.45
CA GLU A 294 25.14 -21.01 -3.87
C GLU A 294 26.51 -20.64 -4.43
N ALA A 295 27.44 -20.22 -3.56
CA ALA A 295 28.82 -19.96 -3.93
C ALA A 295 29.65 -21.19 -3.56
N ALA A 296 29.55 -22.22 -4.40
CA ALA A 296 30.22 -23.50 -4.17
C ALA A 296 31.73 -23.32 -4.02
#